data_8WTK
#
_entry.id   8WTK
#
_cell.length_a   114.756
_cell.length_b   114.756
_cell.length_c   119.632
_cell.angle_alpha   90.000
_cell.angle_beta   90.000
_cell.angle_gamma   120.000
#
_symmetry.space_group_name_H-M   'P 31 2 1'
#
loop_
_entity.id
_entity.type
_entity.pdbx_description
1 polymer 'CRISPR-associated helicase Cas3'
2 non-polymer 'MAGNESIUM ION'
#
_entity_poly.entity_id   1
_entity_poly.type   'polypeptide(L)'
_entity_poly.pdbx_seq_one_letter_code
;SH(MSE)RAFEDALQKLAKAKGFKPERRPLLEGAFHFITSSEKPPFLILQAPTGYGKTLLSYALAVHSLYDAKLFDRIIH
VLP(MSE)RSIIEDIQKTAEEAFGFSRTK(MSE)(MSE)GSSGEFLHLFPLNITTADTFTWDLLKLNTKRRHRIKAGKEF
GYDYLTQASILTSLVIFDEAHFLLEDKS(MSE)VTAFLSVIEFLTSQKVPIVI(MSE)TATLSEAHKKIFKKYANKNNYN
FKVLDPENDDPFIKRELKKDIKIEFNRGDPLNFIEPGRRNAIIVNSVKRAVEIFDRAKNIWPERDRV(MSE)LIHGR
(MSE)TSSHKRDLINCLRKWQKEGDFLLIGTQAVEAGIDFSVDL(MSE)ITDRAPINSLIQRFGRVARYKNEKEGEIIIL
EDAPYGPYPEDKVEKTLDL(MSE)KRGQILPRIPETYQTIVTEVHRSITKNVNRELKGELVRL(MSE)KDPSKRAPDVLS
AVESLTVRGISI(MSE)RDFLIPLLVEDD(MSE)VLITPRKLLELYSKELVEIKGFNKEIKSLEDAYKVAKSVALGENIE
IIFIGNYDWERGIP
;
_entity_poly.pdbx_strand_id   A
#
loop_
_chem_comp.id
_chem_comp.type
_chem_comp.name
_chem_comp.formula
MG non-polymer 'MAGNESIUM ION' 'Mg 2'
#
# COMPACT_ATOMS: atom_id res chain seq x y z
N SER A 1 -12.96 -22.56 22.78
CA SER A 1 -12.43 -21.95 21.57
C SER A 1 -11.00 -21.49 21.78
N HIS A 2 -10.75 -20.87 22.93
CA HIS A 2 -9.40 -20.54 23.40
C HIS A 2 -8.70 -19.55 22.46
N MSE A 3 -9.40 -18.49 22.09
CA MSE A 3 -8.79 -17.39 21.36
C MSE A 3 -9.25 -16.04 21.92
O MSE A 3 -10.22 -15.46 21.44
CB MSE A 3 -9.12 -17.49 19.86
CG MSE A 3 -10.54 -17.90 19.55
SE MSE A 3 -10.87 -18.08 17.63
CE MSE A 3 -10.35 -19.95 17.43
N ARG A 4 -8.53 -15.56 22.93
CA ARG A 4 -8.87 -14.28 23.55
C ARG A 4 -8.20 -13.10 22.88
N ALA A 5 -7.02 -13.30 22.29
CA ALA A 5 -6.36 -12.22 21.58
C ALA A 5 -7.20 -11.68 20.43
N PHE A 6 -7.99 -12.55 19.80
CA PHE A 6 -8.92 -12.07 18.78
C PHE A 6 -10.04 -11.25 19.39
N GLU A 7 -10.59 -11.70 20.53
CA GLU A 7 -11.63 -10.95 21.20
C GLU A 7 -11.12 -9.60 21.69
N ASP A 8 -9.90 -9.59 22.25
CA ASP A 8 -9.33 -8.34 22.75
C ASP A 8 -9.17 -7.32 21.63
N ALA A 9 -8.81 -7.78 20.43
CA ALA A 9 -8.66 -6.87 19.30
C ALA A 9 -10.02 -6.38 18.82
N LEU A 10 -10.99 -7.28 18.69
CA LEU A 10 -12.29 -6.90 18.17
C LEU A 10 -12.99 -5.90 19.09
N GLN A 11 -12.69 -5.93 20.39
CA GLN A 11 -13.30 -4.98 21.32
C GLN A 11 -12.58 -3.64 21.27
N LYS A 12 -11.26 -3.64 21.43
CA LYS A 12 -10.51 -2.38 21.44
C LYS A 12 -10.60 -1.65 20.11
N LEU A 13 -10.77 -2.39 19.01
CA LEU A 13 -10.94 -1.76 17.70
C LEU A 13 -12.35 -1.19 17.53
N ALA A 14 -13.37 -1.93 18.01
CA ALA A 14 -14.74 -1.47 17.90
C ALA A 14 -15.04 -0.27 18.80
N LYS A 15 -14.17 0.04 19.76
CA LYS A 15 -14.36 1.22 20.60
C LYS A 15 -13.68 2.45 20.01
N ALA A 16 -12.43 2.30 19.57
CA ALA A 16 -11.72 3.44 18.97
C ALA A 16 -12.31 3.84 17.63
N LYS A 17 -12.82 2.87 16.86
CA LYS A 17 -13.47 3.16 15.59
C LYS A 17 -14.98 3.21 15.71
N GLY A 18 -15.52 3.18 16.92
CA GLY A 18 -16.89 3.56 17.20
C GLY A 18 -17.98 2.74 16.53
N PHE A 19 -17.66 1.57 16.00
CA PHE A 19 -18.69 0.71 15.43
C PHE A 19 -19.05 -0.39 16.41
N LYS A 20 -20.33 -0.78 16.40
CA LYS A 20 -20.73 -1.86 17.28
C LYS A 20 -20.29 -3.20 16.71
N PRO A 21 -19.90 -4.14 17.58
CA PRO A 21 -19.36 -5.42 17.09
C PRO A 21 -20.32 -6.15 16.18
N GLU A 22 -19.77 -6.73 15.11
CA GLU A 22 -20.49 -7.57 14.19
C GLU A 22 -19.87 -8.98 14.21
N ARG A 23 -20.33 -9.84 13.31
CA ARG A 23 -19.84 -11.21 13.29
C ARG A 23 -18.43 -11.29 12.70
N ARG A 24 -18.28 -10.92 11.43
CA ARG A 24 -17.04 -11.09 10.68
C ARG A 24 -16.57 -12.53 10.79
N PRO A 25 -17.26 -13.47 10.14
CA PRO A 25 -16.99 -14.89 10.42
C PRO A 25 -15.67 -15.40 9.86
N LEU A 26 -15.28 -14.95 8.66
CA LEU A 26 -14.05 -15.43 8.06
C LEU A 26 -12.83 -15.10 8.91
N LEU A 27 -12.87 -13.98 9.63
CA LEU A 27 -11.69 -13.52 10.36
C LEU A 27 -11.33 -14.46 11.49
N GLU A 28 -12.34 -14.95 12.23
CA GLU A 28 -12.08 -15.89 13.31
C GLU A 28 -11.50 -17.20 12.77
N GLY A 29 -12.07 -17.71 11.67
CA GLY A 29 -11.52 -18.90 11.05
C GLY A 29 -10.12 -18.68 10.52
N ALA A 30 -9.85 -17.48 9.99
CA ALA A 30 -8.51 -17.15 9.54
C ALA A 30 -7.54 -17.08 10.71
N PHE A 31 -7.98 -16.52 11.84
CA PHE A 31 -7.13 -16.48 13.03
C PHE A 31 -6.80 -17.88 13.53
N HIS A 32 -7.80 -18.77 13.54
CA HIS A 32 -7.56 -20.12 14.03
C HIS A 32 -6.65 -20.91 13.09
N PHE A 33 -6.79 -20.71 11.77
CA PHE A 33 -5.97 -21.45 10.83
C PHE A 33 -4.49 -21.11 11.00
N ILE A 34 -4.17 -19.87 11.36
CA ILE A 34 -2.78 -19.48 11.51
C ILE A 34 -2.20 -19.99 12.82
N THR A 35 -2.98 -19.93 13.90
CA THR A 35 -2.45 -20.25 15.22
C THR A 35 -2.25 -21.74 15.42
N SER A 36 -3.15 -22.58 14.90
CA SER A 36 -3.00 -24.02 15.13
C SER A 36 -1.98 -24.62 14.16
N SER A 37 -2.32 -24.64 12.86
CA SER A 37 -1.36 -24.71 11.76
C SER A 37 -0.13 -25.60 12.00
N GLU A 38 -0.34 -26.92 12.13
CA GLU A 38 0.78 -27.85 12.28
C GLU A 38 2.00 -27.46 11.44
N LYS A 39 1.78 -27.24 10.15
CA LYS A 39 2.82 -26.75 9.25
C LYS A 39 2.72 -25.24 9.11
N PRO A 40 3.79 -24.58 8.66
CA PRO A 40 3.75 -23.12 8.50
C PRO A 40 2.63 -22.70 7.56
N PRO A 41 1.79 -21.75 7.95
CA PRO A 41 0.62 -21.40 7.16
C PRO A 41 0.94 -20.39 6.07
N PHE A 42 0.27 -20.54 4.92
CA PHE A 42 0.31 -19.58 3.84
C PHE A 42 -1.14 -19.27 3.49
N LEU A 43 -1.74 -18.33 4.21
CA LEU A 43 -3.15 -18.01 4.06
C LEU A 43 -3.34 -16.89 3.05
N ILE A 44 -4.26 -17.09 2.12
CA ILE A 44 -4.69 -16.07 1.19
C ILE A 44 -6.11 -15.69 1.58
N LEU A 45 -6.25 -14.54 2.25
CA LEU A 45 -7.56 -14.05 2.68
C LEU A 45 -8.11 -13.15 1.58
N GLN A 46 -9.03 -13.68 0.80
CA GLN A 46 -9.60 -12.98 -0.36
C GLN A 46 -10.99 -12.48 0.02
N ALA A 47 -11.04 -11.29 0.61
CA ALA A 47 -12.29 -10.72 1.06
C ALA A 47 -12.56 -9.38 0.39
N PRO A 48 -13.83 -9.01 0.20
CA PRO A 48 -14.13 -7.72 -0.43
C PRO A 48 -13.53 -6.56 0.35
N THR A 49 -13.35 -5.45 -0.35
CA THR A 49 -12.85 -4.23 0.29
C THR A 49 -13.82 -3.77 1.37
N GLY A 50 -13.26 -3.17 2.42
CA GLY A 50 -14.06 -2.75 3.56
C GLY A 50 -14.62 -3.88 4.40
N TYR A 51 -14.14 -5.11 4.22
CA TYR A 51 -14.60 -6.22 5.03
C TYR A 51 -14.23 -6.03 6.50
N GLY A 52 -13.01 -5.55 6.75
CA GLY A 52 -12.49 -5.46 8.10
C GLY A 52 -11.26 -6.35 8.23
N LYS A 53 -10.64 -6.63 7.09
CA LYS A 53 -9.52 -7.56 7.04
C LYS A 53 -8.38 -7.18 7.99
N THR A 54 -8.19 -5.88 8.21
CA THR A 54 -7.12 -5.43 9.09
C THR A 54 -7.31 -5.88 10.54
N LEU A 55 -8.49 -6.40 10.90
CA LEU A 55 -8.70 -6.90 12.25
C LEU A 55 -7.83 -8.12 12.53
N LEU A 56 -7.72 -9.03 11.55
CA LEU A 56 -6.84 -10.18 11.70
C LEU A 56 -5.40 -9.76 11.93
N SER A 57 -4.98 -8.64 11.34
CA SER A 57 -3.63 -8.12 11.59
C SER A 57 -3.49 -7.66 13.03
N TYR A 58 -4.52 -7.00 13.58
CA TYR A 58 -4.46 -6.59 14.98
C TYR A 58 -4.58 -7.78 15.92
N ALA A 59 -5.36 -8.78 15.54
CA ALA A 59 -5.55 -9.95 16.40
C ALA A 59 -4.25 -10.74 16.56
N LEU A 60 -3.60 -11.07 15.45
CA LEU A 60 -2.35 -11.82 15.51
C LEU A 60 -1.24 -11.06 16.21
N ALA A 61 -1.33 -9.72 16.26
CA ALA A 61 -0.32 -8.94 16.98
C ALA A 61 -0.50 -9.08 18.48
N VAL A 62 -1.75 -8.96 18.97
CA VAL A 62 -2.00 -9.15 20.39
C VAL A 62 -1.64 -10.57 20.80
N HIS A 63 -1.89 -11.55 19.93
CA HIS A 63 -1.55 -12.94 20.22
C HIS A 63 -0.04 -13.14 20.36
N SER A 64 0.77 -12.27 19.75
CA SER A 64 2.21 -12.39 19.88
C SER A 64 2.69 -11.93 21.25
N LEU A 65 1.91 -11.12 21.96
CA LEU A 65 2.28 -10.73 23.31
C LEU A 65 2.16 -11.88 24.29
N TYR A 66 1.40 -12.91 23.92
CA TYR A 66 1.16 -14.05 24.80
C TYR A 66 1.83 -15.33 24.35
N ASP A 67 2.23 -15.42 23.08
CA ASP A 67 2.84 -16.63 22.54
C ASP A 67 3.56 -16.27 21.26
N ALA A 68 4.84 -16.65 21.16
CA ALA A 68 5.65 -16.34 19.99
C ALA A 68 6.34 -17.59 19.45
N LYS A 69 5.69 -18.75 19.59
CA LYS A 69 6.26 -19.98 19.05
C LYS A 69 6.34 -19.93 17.54
N LEU A 70 5.33 -19.35 16.89
CA LEU A 70 5.30 -19.27 15.43
C LEU A 70 5.85 -17.96 14.90
N PHE A 71 5.63 -16.86 15.62
CA PHE A 71 6.09 -15.55 15.18
C PHE A 71 6.16 -14.62 16.37
N ASP A 72 7.18 -13.78 16.41
CA ASP A 72 7.38 -12.85 17.52
C ASP A 72 6.77 -11.47 17.28
N ARG A 73 6.36 -11.15 16.06
CA ARG A 73 5.73 -9.88 15.78
C ARG A 73 4.99 -9.99 14.44
N ILE A 74 4.17 -9.00 14.16
CA ILE A 74 3.38 -8.93 12.93
C ILE A 74 3.91 -7.76 12.11
N ILE A 75 4.55 -8.06 10.99
CA ILE A 75 4.95 -7.05 10.02
C ILE A 75 3.81 -6.88 9.01
N HIS A 76 3.29 -5.67 8.92
CA HIS A 76 2.13 -5.37 8.08
C HIS A 76 2.60 -4.53 6.89
N VAL A 77 2.52 -5.11 5.70
CA VAL A 77 3.10 -4.52 4.50
C VAL A 77 2.00 -3.89 3.67
N LEU A 78 2.13 -2.60 3.39
CA LEU A 78 1.25 -1.83 2.52
C LEU A 78 1.91 -1.61 1.16
N PRO A 79 1.13 -1.33 0.12
CA PRO A 79 1.73 -1.13 -1.21
C PRO A 79 2.64 0.10 -1.24
N MSE A 80 3.53 0.11 -2.22
CA MSE A 80 4.63 1.08 -2.30
C MSE A 80 4.21 2.54 -2.16
O MSE A 80 4.72 3.27 -1.30
CB MSE A 80 5.40 0.90 -3.62
CG MSE A 80 6.74 1.61 -3.63
SE MSE A 80 7.58 1.76 -5.40
CE MSE A 80 8.23 -0.06 -5.61
N ARG A 81 3.28 2.98 -3.02
CA ARG A 81 2.85 4.37 -3.00
C ARG A 81 2.04 4.71 -1.75
N SER A 82 1.49 3.71 -1.06
CA SER A 82 0.48 3.93 -0.04
C SER A 82 1.01 4.79 1.11
N ILE A 83 0.07 5.41 1.81
CA ILE A 83 0.34 6.24 2.98
C ILE A 83 0.05 5.38 4.21
N ILE A 84 1.06 5.22 5.07
CA ILE A 84 0.94 4.34 6.23
C ILE A 84 0.58 5.08 7.51
N GLU A 85 0.54 6.41 7.50
CA GLU A 85 0.24 7.18 8.69
C GLU A 85 -1.18 6.97 9.20
N ASP A 86 -2.04 6.30 8.44
CA ASP A 86 -3.41 6.08 8.90
C ASP A 86 -3.49 4.85 9.80
N ILE A 87 -2.92 3.73 9.36
CA ILE A 87 -2.92 2.52 10.19
C ILE A 87 -2.04 2.73 11.42
N GLN A 88 -0.93 3.45 11.25
CA GLN A 88 -0.12 3.82 12.41
C GLN A 88 -0.92 4.68 13.39
N LYS A 89 -1.79 5.55 12.87
CA LYS A 89 -2.68 6.34 13.71
C LYS A 89 -3.75 5.50 14.38
N THR A 90 -3.95 4.25 13.97
CA THR A 90 -4.90 3.35 14.61
C THR A 90 -4.21 2.35 15.54
N ALA A 91 -3.06 1.83 15.15
CA ALA A 91 -2.29 0.95 16.02
C ALA A 91 -1.78 1.68 17.26
N GLU A 92 -1.81 3.01 17.25
CA GLU A 92 -1.40 3.83 18.39
C GLU A 92 -2.57 4.26 19.27
N GLU A 93 -3.63 4.78 18.65
CA GLU A 93 -4.76 5.31 19.41
C GLU A 93 -5.71 4.23 19.90
N ALA A 94 -5.64 3.02 19.35
CA ALA A 94 -6.56 1.95 19.72
C ALA A 94 -5.93 0.88 20.61
N PHE A 95 -4.69 0.48 20.33
CA PHE A 95 -4.04 -0.59 21.06
C PHE A 95 -2.85 -0.16 21.88
N GLY A 96 -2.32 1.04 21.65
CA GLY A 96 -1.19 1.55 22.41
C GLY A 96 0.04 0.67 22.32
N PHE A 97 0.52 0.44 21.11
CA PHE A 97 1.69 -0.41 20.89
C PHE A 97 2.97 0.42 20.87
N LEU A 110 15.82 1.21 18.82
CA LEU A 110 15.52 -0.08 18.21
C LEU A 110 14.71 -0.92 19.18
N HIS A 111 13.40 -0.99 18.94
CA HIS A 111 12.48 -1.55 19.93
C HIS A 111 11.49 -2.49 19.25
N LEU A 112 11.21 -3.60 19.91
CA LEU A 112 10.33 -4.64 19.37
C LEU A 112 8.88 -4.24 19.56
N PHE A 113 8.23 -3.82 18.48
CA PHE A 113 6.79 -3.59 18.51
C PHE A 113 6.05 -4.85 18.08
N PRO A 114 4.90 -5.15 18.68
CA PRO A 114 4.12 -6.32 18.25
C PRO A 114 3.52 -6.15 16.87
N LEU A 115 3.30 -4.92 16.41
CA LEU A 115 2.73 -4.66 15.09
C LEU A 115 3.56 -3.58 14.41
N ASN A 116 4.14 -3.91 13.27
CA ASN A 116 4.95 -2.99 12.50
C ASN A 116 4.32 -2.77 11.13
N ILE A 117 4.32 -1.52 10.67
CA ILE A 117 3.69 -1.13 9.42
C ILE A 117 4.79 -0.62 8.51
N THR A 118 5.22 -1.44 7.56
CA THR A 118 6.16 -1.07 6.52
C THR A 118 5.43 -0.99 5.19
N THR A 119 6.18 -0.65 4.15
CA THR A 119 5.64 -0.54 2.81
C THR A 119 6.40 -1.46 1.86
N ALA A 120 5.78 -1.71 0.70
CA ALA A 120 6.17 -2.85 -0.12
C ALA A 120 7.62 -2.75 -0.59
N ASP A 121 8.08 -1.57 -1.00
CA ASP A 121 9.46 -1.47 -1.47
C ASP A 121 10.45 -1.44 -0.31
N THR A 122 10.11 -0.77 0.79
CA THR A 122 10.96 -0.80 1.97
C THR A 122 11.13 -2.23 2.48
N PHE A 123 10.10 -3.06 2.33
CA PHE A 123 10.18 -4.44 2.81
C PHE A 123 11.21 -5.24 2.02
N THR A 124 11.18 -5.13 0.69
CA THR A 124 12.12 -5.89 -0.12
C THR A 124 13.54 -5.35 -0.01
N TRP A 125 13.70 -4.04 0.24
CA TRP A 125 15.04 -3.51 0.46
C TRP A 125 15.63 -4.09 1.74
N ASP A 126 14.81 -4.27 2.77
CA ASP A 126 15.29 -4.84 4.02
C ASP A 126 15.72 -6.29 3.85
N LEU A 127 14.90 -7.09 3.16
CA LEU A 127 15.26 -8.48 2.92
C LEU A 127 16.51 -8.61 2.06
N LEU A 128 16.84 -7.59 1.27
CA LEU A 128 18.08 -7.54 0.52
C LEU A 128 19.22 -6.92 1.33
N LYS A 129 19.02 -6.73 2.63
CA LYS A 129 20.05 -6.24 3.55
C LYS A 129 20.54 -4.84 3.20
N LEU A 130 19.71 -4.05 2.52
CA LEU A 130 20.03 -2.67 2.22
C LEU A 130 19.60 -1.77 3.38
N ASN A 131 20.01 -0.50 3.31
CA ASN A 131 19.75 0.46 4.38
C ASN A 131 18.42 1.16 4.15
N THR A 132 17.55 1.11 5.16
CA THR A 132 16.26 1.78 5.16
C THR A 132 16.05 2.56 6.45
N LYS A 133 17.15 3.01 7.06
CA LYS A 133 17.12 3.51 8.44
C LYS A 133 16.12 4.64 8.63
N ARG A 134 16.28 5.73 7.87
CA ARG A 134 15.47 6.93 8.11
C ARG A 134 13.99 6.69 7.83
N ARG A 135 13.64 5.63 7.11
CA ARG A 135 12.23 5.31 6.91
C ARG A 135 11.60 4.73 8.18
N HIS A 136 12.39 4.08 9.02
CA HIS A 136 11.89 3.40 10.19
C HIS A 136 11.84 4.28 11.44
N ARG A 137 12.30 5.53 11.34
CA ARG A 137 12.39 6.43 12.49
C ARG A 137 11.06 6.58 13.24
N GLY A 145 13.21 6.53 18.15
CA GLY A 145 13.65 5.15 18.01
C GLY A 145 13.31 4.55 16.66
N TYR A 146 13.53 3.25 16.52
CA TYR A 146 13.27 2.53 15.29
C TYR A 146 12.56 1.23 15.61
N ASP A 147 11.69 0.79 14.69
CA ASP A 147 10.93 -0.44 14.94
C ASP A 147 11.75 -1.68 14.63
N TYR A 148 12.32 -1.75 13.42
CA TYR A 148 13.26 -2.81 13.10
C TYR A 148 14.15 -2.36 11.96
N LEU A 149 15.39 -2.85 11.98
CA LEU A 149 16.41 -2.41 11.02
C LEU A 149 17.25 -3.58 10.52
N THR A 150 16.67 -4.77 10.43
CA THR A 150 17.49 -5.96 10.26
C THR A 150 16.68 -7.03 9.53
N GLN A 151 17.34 -7.72 8.59
CA GLN A 151 16.70 -8.81 7.86
C GLN A 151 16.22 -9.91 8.80
N ALA A 152 16.94 -10.14 9.89
CA ALA A 152 16.57 -11.21 10.81
C ALA A 152 15.28 -10.89 11.56
N SER A 153 15.07 -9.61 11.89
CA SER A 153 13.83 -9.21 12.53
C SER A 153 12.61 -9.52 11.69
N ILE A 154 12.78 -9.64 10.37
CA ILE A 154 11.68 -10.01 9.49
C ILE A 154 11.46 -11.52 9.51
N LEU A 155 12.55 -12.29 9.50
CA LEU A 155 12.45 -13.75 9.37
C LEU A 155 11.84 -14.41 10.59
N THR A 156 11.87 -13.76 11.75
CA THR A 156 11.26 -14.30 12.96
C THR A 156 9.81 -13.85 13.13
N SER A 157 9.26 -13.12 12.17
CA SER A 157 7.93 -12.53 12.29
C SER A 157 6.96 -13.20 11.32
N LEU A 158 5.69 -12.81 11.44
CA LEU A 158 4.67 -13.18 10.48
C LEU A 158 4.37 -11.95 9.63
N VAL A 159 4.57 -12.06 8.33
CA VAL A 159 4.47 -10.95 7.40
C VAL A 159 3.12 -11.02 6.70
N ILE A 160 2.35 -9.94 6.79
CA ILE A 160 1.05 -9.83 6.15
C ILE A 160 1.17 -8.85 5.00
N PHE A 161 0.91 -9.32 3.78
CA PHE A 161 0.88 -8.46 2.60
C PHE A 161 -0.54 -7.96 2.41
N ASP A 162 -0.76 -6.67 2.67
CA ASP A 162 -2.07 -6.04 2.58
C ASP A 162 -2.14 -5.30 1.26
N GLU A 163 -2.71 -5.94 0.24
CA GLU A 163 -2.86 -5.37 -1.10
C GLU A 163 -1.52 -4.93 -1.68
N ALA A 164 -0.42 -5.51 -1.21
CA ALA A 164 0.91 -5.09 -1.60
C ALA A 164 1.62 -6.10 -2.49
N HIS A 165 0.99 -7.24 -2.79
CA HIS A 165 1.59 -8.18 -3.72
C HIS A 165 1.51 -7.73 -5.16
N PHE A 166 0.87 -6.59 -5.43
CA PHE A 166 0.76 -6.05 -6.77
C PHE A 166 2.04 -5.37 -7.24
N LEU A 167 3.13 -5.54 -6.50
CA LEU A 167 4.45 -5.14 -7.00
C LEU A 167 4.96 -6.09 -8.07
N LEU A 168 4.29 -7.24 -8.27
CA LEU A 168 4.58 -8.08 -9.42
C LEU A 168 4.09 -7.45 -10.72
N GLU A 169 3.19 -6.48 -10.63
CA GLU A 169 2.67 -5.78 -11.79
C GLU A 169 3.55 -4.64 -12.24
N ASP A 170 4.49 -4.20 -11.39
CA ASP A 170 5.43 -3.15 -11.72
C ASP A 170 6.59 -3.78 -12.46
N LYS A 171 6.74 -3.45 -13.75
CA LYS A 171 7.73 -4.09 -14.60
C LYS A 171 9.13 -4.04 -14.00
N SER A 172 9.50 -2.90 -13.42
CA SER A 172 10.83 -2.74 -12.84
C SER A 172 10.96 -3.37 -11.45
N MSE A 173 9.93 -4.05 -10.96
CA MSE A 173 9.95 -4.58 -9.60
C MSE A 173 9.61 -6.07 -9.52
O MSE A 173 9.56 -6.63 -8.42
CB MSE A 173 8.97 -3.79 -8.72
CG MSE A 173 9.51 -2.46 -8.23
SE MSE A 173 10.73 -2.67 -6.73
CE MSE A 173 12.35 -1.95 -7.54
N VAL A 174 9.39 -6.71 -10.66
CA VAL A 174 8.97 -8.11 -10.65
C VAL A 174 10.07 -9.01 -10.12
N THR A 175 11.29 -8.83 -10.64
CA THR A 175 12.39 -9.73 -10.28
C THR A 175 12.74 -9.61 -8.80
N ALA A 176 12.75 -8.39 -8.27
CA ALA A 176 13.11 -8.21 -6.87
C ALA A 176 12.05 -8.78 -5.95
N PHE A 177 10.78 -8.38 -6.13
CA PHE A 177 9.73 -8.84 -5.22
C PHE A 177 9.46 -10.32 -5.39
N LEU A 178 9.71 -10.88 -6.57
CA LEU A 178 9.62 -12.34 -6.72
C LEU A 178 10.73 -13.05 -5.96
N SER A 179 11.90 -12.39 -5.83
CA SER A 179 12.99 -12.98 -5.06
C SER A 179 12.68 -12.95 -3.57
N VAL A 180 12.06 -11.87 -3.08
CA VAL A 180 11.69 -11.79 -1.67
C VAL A 180 10.44 -12.58 -1.35
N ILE A 181 9.79 -13.17 -2.34
CA ILE A 181 8.76 -14.18 -2.10
C ILE A 181 9.37 -15.58 -2.09
N GLU A 182 10.32 -15.84 -3.00
CA GLU A 182 11.02 -17.12 -3.00
C GLU A 182 11.89 -17.27 -1.76
N PHE A 183 12.59 -16.21 -1.37
CA PHE A 183 13.43 -16.27 -0.17
C PHE A 183 12.59 -16.36 1.09
N LEU A 184 11.50 -15.59 1.16
CA LEU A 184 10.67 -15.58 2.36
C LEU A 184 10.06 -16.95 2.61
N THR A 185 9.59 -17.62 1.57
CA THR A 185 9.02 -18.96 1.73
C THR A 185 10.11 -20.00 1.95
N SER A 186 11.32 -19.75 1.44
CA SER A 186 12.42 -20.69 1.66
C SER A 186 12.81 -20.77 3.12
N GLN A 187 12.57 -19.70 3.89
CA GLN A 187 12.78 -19.72 5.33
C GLN A 187 11.55 -20.15 6.10
N LYS A 188 10.48 -20.51 5.39
CA LYS A 188 9.22 -20.97 6.00
C LYS A 188 8.65 -19.93 6.95
N VAL A 189 8.79 -18.66 6.58
CA VAL A 189 8.18 -17.56 7.31
C VAL A 189 6.66 -17.61 7.11
N PRO A 190 5.86 -17.48 8.17
CA PRO A 190 4.41 -17.45 7.97
C PRO A 190 3.98 -16.22 7.19
N ILE A 191 3.08 -16.42 6.23
CA ILE A 191 2.67 -15.38 5.29
C ILE A 191 1.16 -15.36 5.21
N VAL A 192 0.58 -14.18 5.38
CA VAL A 192 -0.84 -13.93 5.14
C VAL A 192 -0.95 -12.92 4.01
N ILE A 193 -1.80 -13.20 3.03
CA ILE A 193 -1.97 -12.34 1.87
C ILE A 193 -3.41 -11.86 1.86
N MSE A 194 -3.60 -10.56 2.05
CA MSE A 194 -4.93 -9.96 2.07
C MSE A 194 -5.16 -9.20 0.77
O MSE A 194 -4.35 -8.34 0.40
CB MSE A 194 -5.09 -9.03 3.26
CG MSE A 194 -4.65 -9.65 4.59
SE MSE A 194 -5.54 -8.83 6.11
CE MSE A 194 -4.85 -7.02 5.92
N THR A 195 -6.26 -9.50 0.09
CA THR A 195 -6.55 -8.84 -1.18
C THR A 195 -8.02 -9.01 -1.52
N ALA A 196 -8.63 -7.92 -1.99
CA ALA A 196 -9.94 -7.96 -2.62
C ALA A 196 -9.83 -8.22 -4.12
N THR A 197 -8.63 -8.50 -4.60
CA THR A 197 -8.36 -8.63 -6.03
C THR A 197 -7.28 -9.71 -6.17
N LEU A 198 -7.73 -10.95 -6.40
CA LEU A 198 -6.85 -12.11 -6.46
C LEU A 198 -7.05 -12.80 -7.80
N SER A 199 -6.13 -12.58 -8.72
CA SER A 199 -6.16 -13.25 -10.01
C SER A 199 -5.67 -14.68 -9.88
N GLU A 200 -6.13 -15.53 -10.79
CA GLU A 200 -5.65 -16.92 -10.81
C GLU A 200 -4.16 -16.99 -11.10
N ALA A 201 -3.62 -15.98 -11.80
CA ALA A 201 -2.19 -15.95 -12.07
C ALA A 201 -1.38 -15.69 -10.80
N HIS A 202 -1.93 -14.89 -9.88
CA HIS A 202 -1.23 -14.60 -8.62
C HIS A 202 -1.35 -15.76 -7.65
N LYS A 203 -2.56 -16.32 -7.51
CA LYS A 203 -2.76 -17.50 -6.68
C LYS A 203 -1.90 -18.67 -7.14
N LYS A 204 -1.48 -18.68 -8.41
CA LYS A 204 -0.64 -19.75 -8.92
C LYS A 204 0.81 -19.59 -8.48
N ILE A 205 1.35 -18.37 -8.53
CA ILE A 205 2.72 -18.16 -8.09
C ILE A 205 2.84 -18.37 -6.59
N PHE A 206 1.81 -18.00 -5.83
CA PHE A 206 1.88 -18.15 -4.38
C PHE A 206 1.73 -19.61 -3.96
N LYS A 207 0.82 -20.35 -4.63
CA LYS A 207 0.72 -21.78 -4.37
C LYS A 207 1.97 -22.53 -4.79
N LYS A 208 2.69 -22.00 -5.79
CA LYS A 208 3.91 -22.62 -6.24
C LYS A 208 4.97 -22.63 -5.14
N TYR A 209 5.27 -21.44 -4.59
CA TYR A 209 6.29 -21.36 -3.55
C TYR A 209 5.78 -21.88 -2.21
N ALA A 210 4.47 -21.88 -1.97
CA ALA A 210 3.94 -22.51 -0.77
C ALA A 210 4.07 -24.03 -0.85
N ASN A 211 3.81 -24.60 -2.03
CA ASN A 211 3.99 -26.04 -2.20
C ASN A 211 5.47 -26.41 -2.29
N LYS A 212 6.30 -25.51 -2.81
CA LYS A 212 7.72 -25.80 -2.94
C LYS A 212 8.39 -25.95 -1.58
N ASN A 213 7.92 -25.23 -0.57
CA ASN A 213 8.52 -25.23 0.76
C ASN A 213 7.64 -25.90 1.80
N ASN A 214 6.67 -26.71 1.37
CA ASN A 214 5.86 -27.54 2.26
C ASN A 214 5.06 -26.71 3.27
N TYR A 215 4.47 -25.62 2.78
CA TYR A 215 3.55 -24.85 3.60
C TYR A 215 2.22 -25.58 3.74
N ASN A 216 1.31 -24.96 4.49
CA ASN A 216 -0.08 -25.41 4.58
C ASN A 216 -0.92 -24.35 3.87
N PHE A 217 -1.09 -24.54 2.56
CA PHE A 217 -1.74 -23.53 1.74
C PHE A 217 -3.25 -23.53 1.98
N LYS A 218 -3.86 -22.36 1.81
CA LYS A 218 -5.29 -22.17 2.04
C LYS A 218 -5.73 -20.85 1.43
N VAL A 219 -6.96 -20.83 0.93
CA VAL A 219 -7.57 -19.63 0.38
C VAL A 219 -8.97 -19.48 0.99
N LEU A 220 -9.17 -18.41 1.75
CA LEU A 220 -10.46 -18.12 2.37
C LEU A 220 -11.09 -16.93 1.67
N ASP A 221 -12.15 -17.19 0.91
CA ASP A 221 -13.02 -16.17 0.38
C ASP A 221 -14.43 -16.38 0.91
N PRO A 222 -15.22 -15.32 1.08
CA PRO A 222 -16.50 -15.45 1.79
C PRO A 222 -17.47 -16.38 1.07
N GLU A 223 -18.49 -16.79 1.82
CA GLU A 223 -19.50 -17.71 1.32
C GLU A 223 -20.56 -16.95 0.54
N ASN A 224 -21.46 -17.70 -0.09
CA ASN A 224 -22.54 -17.09 -0.86
C ASN A 224 -23.61 -16.48 0.03
N ASP A 225 -23.73 -16.93 1.28
CA ASP A 225 -24.65 -16.37 2.25
C ASP A 225 -23.97 -15.37 3.19
N ASP A 226 -22.79 -14.90 2.84
CA ASP A 226 -22.02 -14.06 3.75
C ASP A 226 -22.79 -12.77 4.06
N PRO A 227 -22.90 -12.38 5.34
CA PRO A 227 -23.74 -11.21 5.66
C PRO A 227 -23.18 -9.90 5.14
N PHE A 228 -21.87 -9.79 4.95
CA PHE A 228 -21.29 -8.56 4.44
C PHE A 228 -21.73 -8.29 3.01
N ILE A 229 -21.67 -9.31 2.14
CA ILE A 229 -22.02 -9.11 0.74
C ILE A 229 -23.52 -8.87 0.60
N LYS A 230 -24.34 -9.54 1.41
CA LYS A 230 -25.78 -9.28 1.40
C LYS A 230 -26.07 -7.83 1.75
N ARG A 231 -25.45 -7.33 2.83
CA ARG A 231 -25.63 -5.94 3.24
C ARG A 231 -25.22 -4.96 2.16
N GLU A 232 -24.18 -5.29 1.39
CA GLU A 232 -23.68 -4.39 0.37
C GLU A 232 -24.49 -4.44 -0.92
N LEU A 233 -25.25 -5.52 -1.13
CA LEU A 233 -26.15 -5.55 -2.29
C LEU A 233 -27.37 -4.67 -2.09
N LYS A 234 -27.74 -4.38 -0.84
CA LYS A 234 -28.78 -3.40 -0.55
C LYS A 234 -28.33 -1.97 -0.84
N LYS A 235 -27.08 -1.77 -1.22
CA LYS A 235 -26.53 -0.46 -1.52
C LYS A 235 -26.61 -0.19 -3.01
N ASP A 236 -27.09 1.00 -3.37
CA ASP A 236 -27.24 1.41 -4.77
C ASP A 236 -26.19 2.48 -5.02
N ILE A 237 -25.11 2.10 -5.69
CA ILE A 237 -24.03 3.00 -6.06
C ILE A 237 -23.74 2.79 -7.54
N LYS A 238 -24.00 3.82 -8.34
CA LYS A 238 -23.80 3.74 -9.78
C LYS A 238 -22.40 4.19 -10.16
N ILE A 239 -21.90 3.64 -11.26
CA ILE A 239 -20.61 4.02 -11.82
C ILE A 239 -20.86 4.48 -13.26
N GLU A 240 -20.19 5.58 -13.63
CA GLU A 240 -20.35 6.18 -14.95
C GLU A 240 -18.99 6.48 -15.54
N PHE A 241 -19.00 6.88 -16.81
CA PHE A 241 -17.81 7.33 -17.51
C PHE A 241 -18.02 8.74 -18.02
N ASN A 242 -16.91 9.46 -18.22
CA ASN A 242 -16.93 10.84 -18.70
C ASN A 242 -15.52 11.20 -19.13
N ARG A 243 -15.32 12.46 -19.49
CA ARG A 243 -14.02 12.97 -19.93
C ARG A 243 -13.81 14.35 -19.31
N GLY A 244 -12.59 14.85 -19.42
CA GLY A 244 -12.32 16.23 -19.13
C GLY A 244 -11.79 16.50 -17.73
N ASP A 245 -11.82 17.79 -17.39
CA ASP A 245 -11.36 18.26 -16.10
C ASP A 245 -12.21 17.64 -14.99
N PRO A 246 -11.60 17.00 -13.99
CA PRO A 246 -12.40 16.35 -12.94
C PRO A 246 -13.25 17.31 -12.12
N LEU A 247 -12.99 18.62 -12.18
CA LEU A 247 -13.81 19.59 -11.49
C LEU A 247 -15.12 19.88 -12.22
N ASN A 248 -15.34 19.27 -13.38
CA ASN A 248 -16.62 19.41 -14.07
C ASN A 248 -17.76 18.71 -13.35
N PHE A 249 -17.44 17.82 -12.40
CA PHE A 249 -18.43 16.91 -11.84
C PHE A 249 -18.51 16.97 -10.33
N ILE A 250 -17.92 17.98 -9.70
CA ILE A 250 -18.00 18.10 -8.24
C ILE A 250 -19.43 18.49 -7.84
N GLU A 251 -19.82 18.06 -6.64
CA GLU A 251 -21.15 18.34 -6.12
C GLU A 251 -21.05 18.90 -4.70
N PRO A 252 -21.10 20.21 -4.53
CA PRO A 252 -21.17 20.79 -3.18
C PRO A 252 -22.45 20.35 -2.49
N GLY A 253 -22.36 20.22 -1.16
CA GLY A 253 -23.43 19.63 -0.37
C GLY A 253 -23.26 18.16 -0.11
N ARG A 254 -22.26 17.52 -0.71
CA ARG A 254 -21.94 16.12 -0.50
C ARG A 254 -20.45 15.97 -0.20
N ARG A 255 -20.09 14.79 0.29
CA ARG A 255 -18.69 14.43 0.47
C ARG A 255 -18.10 14.09 -0.89
N ASN A 256 -17.09 14.83 -1.31
CA ASN A 256 -16.51 14.68 -2.64
C ASN A 256 -15.06 14.25 -2.54
N ALA A 257 -14.66 13.32 -3.40
CA ALA A 257 -13.29 12.86 -3.48
C ALA A 257 -12.88 12.75 -4.95
N ILE A 258 -11.72 13.33 -5.26
CA ILE A 258 -11.13 13.24 -6.60
C ILE A 258 -9.78 12.56 -6.44
N ILE A 259 -9.70 11.29 -6.83
CA ILE A 259 -8.48 10.50 -6.73
C ILE A 259 -7.89 10.38 -8.13
N VAL A 260 -6.58 10.58 -8.23
CA VAL A 260 -5.94 10.80 -9.53
C VAL A 260 -4.61 10.06 -9.57
N ASN A 261 -4.09 9.85 -10.78
CA ASN A 261 -2.99 8.93 -11.02
C ASN A 261 -1.61 9.56 -10.86
N SER A 262 -1.50 10.86 -10.56
CA SER A 262 -0.19 11.46 -10.38
C SER A 262 -0.29 12.66 -9.44
N VAL A 263 0.85 13.03 -8.86
CA VAL A 263 0.87 14.07 -7.84
C VAL A 263 0.85 15.47 -8.45
N LYS A 264 1.66 15.70 -9.49
CA LYS A 264 1.62 16.99 -10.18
C LYS A 264 0.21 17.31 -10.67
N ARG A 265 -0.50 16.29 -11.16
CA ARG A 265 -1.89 16.47 -11.54
C ARG A 265 -2.78 16.76 -10.34
N ALA A 266 -2.49 16.12 -9.20
CA ALA A 266 -3.28 16.36 -8.00
C ALA A 266 -3.06 17.76 -7.45
N VAL A 267 -1.84 18.28 -7.55
CA VAL A 267 -1.56 19.63 -7.09
C VAL A 267 -2.29 20.65 -7.95
N GLU A 268 -2.35 20.41 -9.26
CA GLU A 268 -2.97 21.38 -10.16
C GLU A 268 -4.49 21.42 -9.98
N ILE A 269 -5.11 20.27 -9.76
CA ILE A 269 -6.55 20.25 -9.48
C ILE A 269 -6.84 20.94 -8.16
N PHE A 270 -5.97 20.74 -7.17
CA PHE A 270 -6.17 21.39 -5.87
C PHE A 270 -5.90 22.88 -5.94
N ASP A 271 -4.96 23.31 -6.78
CA ASP A 271 -4.67 24.73 -6.91
C ASP A 271 -5.86 25.53 -7.41
N ARG A 272 -6.80 24.88 -8.11
CA ARG A 272 -8.02 25.54 -8.56
C ARG A 272 -9.23 25.21 -7.68
N ALA A 273 -9.29 23.99 -7.14
CA ALA A 273 -10.37 23.65 -6.22
C ALA A 273 -10.33 24.48 -4.95
N LYS A 274 -9.19 25.12 -4.65
CA LYS A 274 -9.12 26.07 -3.55
C LYS A 274 -10.24 27.10 -3.63
N ASN A 275 -10.38 27.74 -4.80
CA ASN A 275 -11.27 28.88 -4.97
C ASN A 275 -12.61 28.52 -5.59
N ILE A 276 -12.78 27.28 -6.05
CA ILE A 276 -14.05 26.86 -6.64
C ILE A 276 -15.01 26.33 -5.58
N TRP A 277 -14.50 25.50 -4.66
CA TRP A 277 -15.34 24.93 -3.62
C TRP A 277 -15.92 26.03 -2.74
N PRO A 278 -17.19 25.91 -2.32
CA PRO A 278 -17.80 27.00 -1.53
C PRO A 278 -17.01 27.37 -0.29
N GLU A 279 -16.63 26.40 0.54
CA GLU A 279 -15.85 26.64 1.74
C GLU A 279 -14.43 26.15 1.49
N ARG A 280 -13.49 27.09 1.40
CA ARG A 280 -12.09 26.73 1.19
C ARG A 280 -11.57 25.82 2.30
N ASP A 281 -12.09 25.97 3.52
CA ASP A 281 -11.63 25.17 4.64
C ASP A 281 -11.83 23.68 4.39
N ARG A 282 -12.81 23.31 3.58
CA ARG A 282 -13.17 21.91 3.36
C ARG A 282 -12.53 21.35 2.09
N VAL A 283 -11.40 21.90 1.67
CA VAL A 283 -10.61 21.35 0.56
C VAL A 283 -9.30 20.84 1.13
N MSE A 284 -8.87 19.66 0.65
CA MSE A 284 -7.68 19.02 1.18
C MSE A 284 -6.95 18.18 0.14
O MSE A 284 -7.58 17.47 -0.64
CB MSE A 284 -8.05 18.16 2.39
CG MSE A 284 -7.03 17.08 2.74
SE MSE A 284 -7.75 15.78 4.01
CE MSE A 284 -7.99 16.96 5.54
N LEU A 285 -5.62 18.26 0.13
CA LEU A 285 -4.77 17.50 -0.78
C LEU A 285 -3.92 16.53 0.02
N ILE A 286 -3.85 15.28 -0.43
CA ILE A 286 -3.04 14.25 0.20
C ILE A 286 -2.28 13.49 -0.89
N HIS A 287 -0.97 13.37 -0.73
CA HIS A 287 -0.18 12.49 -1.58
C HIS A 287 1.12 12.14 -0.85
N GLY A 288 1.91 11.26 -1.46
CA GLY A 288 3.05 10.68 -0.78
C GLY A 288 4.29 11.54 -0.74
N ARG A 289 4.39 12.54 -1.59
CA ARG A 289 5.54 13.45 -1.57
C ARG A 289 5.33 14.57 -0.55
N MSE A 290 5.00 14.17 0.67
CA MSE A 290 4.82 15.09 1.79
C MSE A 290 5.61 14.60 2.99
O MSE A 290 6.01 13.43 3.04
CB MSE A 290 3.34 15.23 2.14
CG MSE A 290 2.45 15.72 1.03
SE MSE A 290 0.66 16.14 1.68
CE MSE A 290 -0.13 16.86 0.05
N THR A 291 5.82 15.47 3.97
CA THR A 291 6.46 15.06 5.21
C THR A 291 5.53 14.13 6.00
N SER A 292 6.14 13.36 6.90
CA SER A 292 5.35 12.40 7.66
C SER A 292 4.36 13.09 8.58
N SER A 293 4.79 14.17 9.25
CA SER A 293 3.89 14.87 10.16
C SER A 293 2.76 15.58 9.43
N HIS A 294 3.02 16.07 8.22
CA HIS A 294 1.96 16.68 7.42
C HIS A 294 0.85 15.67 7.15
N LYS A 295 1.22 14.44 6.78
CA LYS A 295 0.23 13.39 6.59
C LYS A 295 -0.53 13.12 7.88
N ARG A 296 0.17 13.08 9.02
CA ARG A 296 -0.49 12.88 10.30
C ARG A 296 -1.53 13.95 10.57
N ASP A 297 -1.21 15.20 10.25
CA ASP A 297 -2.15 16.29 10.44
C ASP A 297 -3.37 16.14 9.54
N LEU A 298 -3.16 15.66 8.31
CA LEU A 298 -4.27 15.51 7.38
C LEU A 298 -5.18 14.36 7.78
N ILE A 299 -4.61 13.27 8.31
CA ILE A 299 -5.44 12.18 8.81
C ILE A 299 -6.28 12.65 9.99
N ASN A 300 -5.73 13.52 10.82
CA ASN A 300 -6.50 14.09 11.93
C ASN A 300 -7.62 14.97 11.42
N CYS A 301 -7.32 15.84 10.44
CA CYS A 301 -8.34 16.70 9.87
C CYS A 301 -9.38 15.93 9.06
N LEU A 302 -9.03 14.73 8.59
CA LEU A 302 -9.94 13.94 7.76
C LEU A 302 -10.87 13.08 8.59
N ARG A 303 -10.37 12.47 9.68
CA ARG A 303 -11.27 11.78 10.60
C ARG A 303 -12.28 12.72 11.20
N LYS A 304 -11.92 14.01 11.36
CA LYS A 304 -12.84 14.97 11.94
C LYS A 304 -13.95 15.32 10.96
N TRP A 305 -13.61 15.55 9.69
CA TRP A 305 -14.62 15.87 8.68
C TRP A 305 -15.53 14.69 8.41
N GLN A 306 -15.05 13.46 8.63
CA GLN A 306 -15.85 12.28 8.35
C GLN A 306 -17.17 12.30 9.11
N LYS A 307 -17.20 12.88 10.30
CA LYS A 307 -18.42 12.98 11.09
C LYS A 307 -19.19 14.26 10.82
N GLU A 308 -18.49 15.34 10.45
CA GLU A 308 -19.08 16.68 10.37
C GLU A 308 -19.16 17.12 8.91
N GLY A 309 -20.28 16.79 8.27
CA GLY A 309 -20.66 17.42 7.01
C GLY A 309 -19.84 17.03 5.80
N ASP A 310 -19.86 17.91 4.82
CA ASP A 310 -19.30 17.69 3.49
C ASP A 310 -17.90 18.30 3.36
N PHE A 311 -17.21 17.92 2.28
CA PHE A 311 -15.83 18.33 2.02
C PHE A 311 -15.47 17.90 0.61
N LEU A 312 -14.25 18.25 0.19
CA LEU A 312 -13.72 17.85 -1.11
C LEU A 312 -12.28 17.38 -0.90
N LEU A 313 -12.05 16.08 -1.08
CA LEU A 313 -10.73 15.49 -0.88
C LEU A 313 -10.09 15.24 -2.24
N ILE A 314 -8.86 15.71 -2.40
CA ILE A 314 -8.09 15.52 -3.62
C ILE A 314 -6.84 14.72 -3.27
N GLY A 315 -6.61 13.63 -3.98
CA GLY A 315 -5.47 12.79 -3.66
C GLY A 315 -5.04 11.94 -4.82
N THR A 316 -3.92 11.25 -4.61
CA THR A 316 -3.35 10.32 -5.56
C THR A 316 -3.68 8.90 -5.13
N GLN A 317 -3.03 7.92 -5.77
CA GLN A 317 -3.24 6.52 -5.42
C GLN A 317 -2.83 6.22 -3.98
N ALA A 318 -2.03 7.10 -3.37
CA ALA A 318 -1.50 6.83 -2.03
C ALA A 318 -2.59 6.65 -1.00
N VAL A 319 -3.76 7.26 -1.20
CA VAL A 319 -4.84 7.19 -0.22
C VAL A 319 -5.80 6.03 -0.48
N GLU A 320 -5.53 5.21 -1.49
CA GLU A 320 -6.50 4.18 -1.85
C GLU A 320 -6.44 2.96 -0.94
N ALA A 321 -5.27 2.61 -0.41
CA ALA A 321 -5.12 1.42 0.41
C ALA A 321 -5.09 1.71 1.90
N GLY A 322 -4.33 2.73 2.32
CA GLY A 322 -4.06 2.92 3.73
C GLY A 322 -5.06 3.75 4.51
N ILE A 323 -5.80 4.63 3.84
CA ILE A 323 -6.65 5.61 4.51
C ILE A 323 -8.09 5.11 4.53
N ASP A 324 -8.75 5.32 5.66
CA ASP A 324 -10.13 4.89 5.89
C ASP A 324 -11.04 6.11 5.82
N PHE A 325 -11.83 6.20 4.74
CA PHE A 325 -12.80 7.27 4.61
C PHE A 325 -13.94 6.83 3.70
N SER A 326 -15.07 7.49 3.84
CA SER A 326 -16.24 7.25 3.00
C SER A 326 -16.68 8.56 2.37
N VAL A 327 -17.05 8.51 1.10
CA VAL A 327 -17.30 9.73 0.32
C VAL A 327 -18.55 9.54 -0.52
N ASP A 328 -19.40 10.57 -0.55
CA ASP A 328 -20.67 10.45 -1.27
C ASP A 328 -20.47 10.29 -2.76
N LEU A 329 -19.56 11.06 -3.36
CA LEU A 329 -19.30 11.00 -4.78
C LEU A 329 -17.82 10.79 -5.01
N MSE A 330 -17.49 9.95 -5.98
CA MSE A 330 -16.10 9.63 -6.28
C MSE A 330 -15.77 9.86 -7.75
O MSE A 330 -16.46 9.35 -8.65
CB MSE A 330 -15.81 8.18 -5.89
CG MSE A 330 -14.58 7.58 -6.53
SE MSE A 330 -12.98 7.90 -5.46
CE MSE A 330 -13.64 7.22 -3.74
N ILE A 331 -14.70 10.61 -8.00
CA ILE A 331 -14.26 10.95 -9.34
C ILE A 331 -12.84 10.41 -9.50
N THR A 332 -12.64 9.54 -10.50
CA THR A 332 -11.42 8.76 -10.59
C THR A 332 -10.86 8.77 -12.00
N ASP A 333 -9.53 8.83 -12.08
CA ASP A 333 -8.83 8.52 -13.31
C ASP A 333 -8.99 7.05 -13.65
N ARG A 334 -8.94 6.74 -14.94
CA ARG A 334 -8.93 5.34 -15.35
C ARG A 334 -7.65 4.67 -14.87
N ALA A 335 -7.78 3.42 -14.42
CA ALA A 335 -6.67 2.71 -13.80
C ALA A 335 -6.97 1.22 -13.88
N PRO A 336 -5.97 0.36 -13.65
CA PRO A 336 -6.24 -1.08 -13.65
C PRO A 336 -7.27 -1.46 -12.60
N ILE A 337 -7.83 -2.66 -12.76
CA ILE A 337 -8.97 -3.06 -11.95
C ILE A 337 -8.60 -3.18 -10.48
N ASN A 338 -7.33 -3.42 -10.18
CA ASN A 338 -6.92 -3.59 -8.78
C ASN A 338 -7.08 -2.28 -8.01
N SER A 339 -6.55 -1.18 -8.55
CA SER A 339 -6.65 0.11 -7.88
C SER A 339 -8.03 0.73 -8.02
N LEU A 340 -8.78 0.38 -9.07
CA LEU A 340 -10.14 0.88 -9.20
C LEU A 340 -11.04 0.25 -8.15
N ILE A 341 -10.93 -1.07 -7.95
CA ILE A 341 -11.69 -1.72 -6.89
C ILE A 341 -11.32 -1.14 -5.54
N GLN A 342 -10.04 -0.81 -5.35
CA GLN A 342 -9.60 -0.16 -4.11
C GLN A 342 -10.24 1.22 -3.97
N ARG A 343 -10.28 2.00 -5.07
CA ARG A 343 -10.84 3.34 -5.01
C ARG A 343 -12.36 3.31 -4.90
N PHE A 344 -13.01 2.33 -5.54
CA PHE A 344 -14.46 2.17 -5.37
C PHE A 344 -14.82 1.90 -3.91
N GLY A 345 -13.92 1.26 -3.16
CA GLY A 345 -14.22 0.83 -1.81
C GLY A 345 -14.50 1.95 -0.83
N ARG A 346 -14.25 3.20 -1.22
CA ARG A 346 -14.40 4.35 -0.34
C ARG A 346 -15.59 5.23 -0.72
N VAL A 347 -16.60 4.65 -1.38
CA VAL A 347 -17.76 5.42 -1.80
C VAL A 347 -18.90 5.26 -0.80
N ALA A 348 -19.44 4.05 -0.70
CA ALA A 348 -20.42 3.73 0.33
C ALA A 348 -19.81 2.62 1.17
N ARG A 349 -18.96 3.01 2.11
CA ARG A 349 -18.13 2.05 2.84
C ARG A 349 -18.73 1.64 4.17
N TYR A 350 -19.52 2.52 4.79
CA TYR A 350 -20.00 2.29 6.14
C TYR A 350 -21.39 1.66 6.11
N LYS A 351 -22.02 1.56 7.28
CA LYS A 351 -23.20 0.71 7.41
C LYS A 351 -24.42 1.33 6.74
N ASN A 352 -24.83 2.51 7.19
CA ASN A 352 -26.07 3.13 6.75
C ASN A 352 -25.88 4.08 5.57
N GLU A 353 -24.83 3.88 4.77
CA GLU A 353 -24.61 4.65 3.55
C GLU A 353 -25.09 3.78 2.39
N LYS A 354 -26.17 4.20 1.73
CA LYS A 354 -26.84 3.36 0.74
C LYS A 354 -26.82 3.93 -0.68
N GLU A 355 -26.55 5.21 -0.86
CA GLU A 355 -26.49 5.82 -2.18
C GLU A 355 -25.10 6.41 -2.42
N GLY A 356 -24.56 6.14 -3.61
CA GLY A 356 -23.27 6.66 -3.99
C GLY A 356 -23.17 6.82 -5.48
N GLU A 357 -22.08 7.45 -5.92
CA GLU A 357 -21.89 7.76 -7.33
C GLU A 357 -20.41 7.69 -7.66
N ILE A 358 -20.08 7.01 -8.75
CA ILE A 358 -18.71 6.90 -9.23
C ILE A 358 -18.69 7.33 -10.70
N ILE A 359 -17.68 8.12 -11.07
CA ILE A 359 -17.54 8.62 -12.43
C ILE A 359 -16.07 8.48 -12.84
N ILE A 360 -15.78 7.55 -13.74
CA ILE A 360 -14.42 7.29 -14.18
C ILE A 360 -14.12 8.16 -15.39
N LEU A 361 -12.93 8.77 -15.38
CA LEU A 361 -12.50 9.67 -16.46
C LEU A 361 -11.64 8.85 -17.42
N GLU A 362 -12.24 8.42 -18.54
CA GLU A 362 -11.57 7.53 -19.46
C GLU A 362 -10.52 8.22 -20.32
N ASP A 363 -10.48 9.56 -20.32
CA ASP A 363 -9.49 10.30 -21.09
C ASP A 363 -8.31 10.75 -20.24
N ALA A 364 -8.17 10.20 -19.03
CA ALA A 364 -7.15 10.65 -18.10
C ALA A 364 -5.78 10.11 -18.47
N PRO A 365 -4.72 10.81 -18.06
CA PRO A 365 -3.37 10.29 -18.30
C PRO A 365 -3.11 9.03 -17.49
N TYR A 366 -2.34 8.12 -18.09
CA TYR A 366 -2.08 6.83 -17.45
C TYR A 366 -1.24 6.99 -16.19
N GLY A 367 -0.13 7.71 -16.30
CA GLY A 367 0.80 7.84 -15.20
C GLY A 367 1.67 6.62 -15.07
N PRO A 368 1.81 6.09 -13.85
CA PRO A 368 2.66 4.92 -13.63
C PRO A 368 2.09 3.64 -14.20
N TYR A 369 0.81 3.61 -14.55
CA TYR A 369 0.15 2.36 -14.88
C TYR A 369 0.45 1.93 -16.32
N PRO A 370 0.49 0.62 -16.58
CA PRO A 370 0.67 0.14 -17.96
C PRO A 370 -0.57 0.41 -18.79
N GLU A 371 -0.35 0.83 -20.03
CA GLU A 371 -1.45 1.29 -20.87
C GLU A 371 -2.38 0.14 -21.27
N ASP A 372 -1.81 -1.00 -21.66
CA ASP A 372 -2.63 -2.14 -22.06
C ASP A 372 -3.55 -2.59 -20.94
N LYS A 373 -3.10 -2.48 -19.69
CA LYS A 373 -3.89 -3.00 -18.59
C LYS A 373 -5.08 -2.09 -18.26
N VAL A 374 -4.89 -0.77 -18.32
CA VAL A 374 -5.97 0.14 -17.94
C VAL A 374 -7.07 0.14 -18.99
N GLU A 375 -6.72 -0.11 -20.25
CA GLU A 375 -7.74 -0.15 -21.29
C GLU A 375 -8.52 -1.46 -21.27
N LYS A 376 -7.88 -2.55 -20.85
CA LYS A 376 -8.57 -3.83 -20.78
C LYS A 376 -9.62 -3.84 -19.69
N THR A 377 -9.32 -3.22 -18.54
CA THR A 377 -10.34 -3.06 -17.50
C THR A 377 -11.45 -2.14 -17.97
N LEU A 378 -11.10 -1.04 -18.64
CA LEU A 378 -12.13 -0.11 -19.11
C LEU A 378 -13.09 -0.81 -20.07
N ASP A 379 -12.58 -1.64 -20.97
CA ASP A 379 -13.44 -2.38 -21.88
C ASP A 379 -14.26 -3.44 -21.15
N LEU A 380 -13.59 -4.27 -20.34
CA LEU A 380 -14.28 -5.37 -19.68
C LEU A 380 -15.32 -4.89 -18.70
N MSE A 381 -15.11 -3.73 -18.09
CA MSE A 381 -16.11 -3.15 -17.19
C MSE A 381 -17.37 -2.74 -17.94
O MSE A 381 -18.48 -3.01 -17.49
CB MSE A 381 -15.54 -1.92 -16.47
CG MSE A 381 -14.57 -2.22 -15.35
SE MSE A 381 -13.83 -0.57 -14.62
CE MSE A 381 -15.32 -0.05 -13.49
N LYS A 382 -17.19 -2.09 -19.10
CA LYS A 382 -18.32 -1.53 -19.81
C LYS A 382 -19.28 -2.60 -20.29
N ARG A 383 -18.78 -3.78 -20.65
CA ARG A 383 -19.64 -4.89 -21.00
C ARG A 383 -20.46 -5.36 -19.81
N GLY A 384 -19.77 -5.93 -18.83
CA GLY A 384 -20.39 -6.48 -17.63
C GLY A 384 -20.51 -5.52 -16.47
N GLN A 385 -21.47 -4.61 -16.51
CA GLN A 385 -21.66 -3.60 -15.48
C GLN A 385 -21.56 -4.20 -14.07
N ILE A 386 -20.56 -3.75 -13.32
CA ILE A 386 -20.27 -4.26 -11.97
C ILE A 386 -20.77 -3.28 -10.92
N LEU A 387 -21.04 -3.80 -9.73
CA LEU A 387 -21.27 -3.00 -8.54
C LEU A 387 -20.34 -3.48 -7.44
N PRO A 388 -19.72 -2.55 -6.70
CA PRO A 388 -18.53 -2.89 -5.91
C PRO A 388 -18.85 -3.75 -4.69
N ARG A 389 -17.76 -4.25 -4.08
CA ARG A 389 -17.81 -5.08 -2.87
C ARG A 389 -18.70 -6.30 -3.06
N ILE A 390 -18.85 -6.74 -4.31
CA ILE A 390 -19.56 -7.97 -4.65
C ILE A 390 -18.65 -8.69 -5.63
N PRO A 391 -17.73 -9.53 -5.16
CA PRO A 391 -16.69 -10.10 -6.04
C PRO A 391 -17.23 -10.79 -7.28
N GLU A 392 -18.45 -11.32 -7.23
CA GLU A 392 -19.05 -11.97 -8.40
C GLU A 392 -19.00 -11.09 -9.63
N THR A 393 -19.08 -9.77 -9.44
CA THR A 393 -19.16 -8.87 -10.60
C THR A 393 -17.79 -8.58 -11.19
N TYR A 394 -16.77 -8.38 -10.35
CA TYR A 394 -15.46 -7.93 -10.84
C TYR A 394 -14.40 -9.02 -10.83
N GLN A 395 -14.73 -10.24 -10.42
CA GLN A 395 -13.72 -11.28 -10.31
C GLN A 395 -13.18 -11.68 -11.68
N THR A 396 -14.04 -11.71 -12.70
CA THR A 396 -13.60 -12.14 -14.01
C THR A 396 -12.65 -11.12 -14.65
N ILE A 397 -12.92 -9.83 -14.44
CA ILE A 397 -12.01 -8.79 -14.93
C ILE A 397 -10.67 -8.90 -14.22
N VAL A 398 -10.67 -9.27 -12.94
CA VAL A 398 -9.44 -9.38 -12.17
C VAL A 398 -8.51 -10.41 -12.79
N THR A 399 -9.02 -11.63 -13.01
CA THR A 399 -8.18 -12.71 -13.53
C THR A 399 -7.71 -12.45 -14.95
N GLU A 400 -8.43 -11.63 -15.72
CA GLU A 400 -8.09 -11.42 -17.12
C GLU A 400 -7.06 -10.31 -17.31
N VAL A 401 -7.03 -9.32 -16.43
CA VAL A 401 -6.10 -8.20 -16.58
C VAL A 401 -4.77 -8.50 -15.90
N HIS A 402 -4.81 -9.09 -14.71
CA HIS A 402 -3.61 -9.25 -13.88
C HIS A 402 -3.04 -10.65 -14.13
N ARG A 403 -2.38 -10.80 -15.28
CA ARG A 403 -1.79 -12.07 -15.67
C ARG A 403 -0.46 -11.79 -16.36
N SER A 404 0.21 -12.87 -16.78
CA SER A 404 1.42 -12.79 -17.61
C SER A 404 2.55 -12.08 -16.89
N ILE A 405 2.73 -12.40 -15.60
CA ILE A 405 3.79 -11.75 -14.81
C ILE A 405 5.17 -12.24 -15.25
N THR A 406 5.29 -13.54 -15.52
CA THR A 406 6.59 -14.15 -15.78
C THR A 406 7.22 -13.73 -17.10
N LYS A 407 6.61 -12.80 -17.84
CA LYS A 407 7.21 -12.34 -19.09
C LYS A 407 8.55 -11.67 -18.86
N ASN A 408 8.60 -10.76 -17.89
CA ASN A 408 9.75 -9.88 -17.68
C ASN A 408 10.42 -10.14 -16.34
N VAL A 409 10.63 -11.41 -16.00
CA VAL A 409 11.35 -11.80 -14.80
C VAL A 409 12.75 -12.22 -15.20
N ASN A 410 13.75 -11.61 -14.57
CA ASN A 410 15.15 -11.95 -14.83
C ASN A 410 15.46 -13.18 -13.98
N ARG A 411 15.22 -14.36 -14.57
CA ARG A 411 15.28 -15.61 -13.82
C ARG A 411 16.67 -15.90 -13.26
N GLU A 412 17.73 -15.30 -13.83
CA GLU A 412 19.07 -15.51 -13.30
C GLU A 412 19.39 -14.54 -12.17
N LEU A 413 19.06 -13.26 -12.34
CA LEU A 413 19.22 -12.30 -11.25
C LEU A 413 18.38 -12.69 -10.05
N LYS A 414 17.15 -13.15 -10.30
CA LYS A 414 16.29 -13.63 -9.22
C LYS A 414 16.95 -14.78 -8.45
N GLY A 415 17.62 -15.68 -9.17
CA GLY A 415 18.32 -16.76 -8.50
C GLY A 415 19.48 -16.28 -7.66
N GLU A 416 20.17 -15.22 -8.11
CA GLU A 416 21.32 -14.71 -7.37
C GLU A 416 20.88 -13.94 -6.13
N LEU A 417 19.81 -13.17 -6.24
CA LEU A 417 19.30 -12.43 -5.09
C LEU A 417 18.93 -13.37 -3.95
N VAL A 418 18.21 -14.46 -4.28
CA VAL A 418 17.85 -15.44 -3.25
C VAL A 418 19.09 -16.11 -2.71
N ARG A 419 20.17 -16.16 -3.50
CA ARG A 419 21.43 -16.73 -3.01
C ARG A 419 22.09 -15.80 -2.00
N LEU A 420 22.15 -14.50 -2.31
CA LEU A 420 22.79 -13.54 -1.42
C LEU A 420 21.98 -13.32 -0.15
N MSE A 421 20.66 -13.41 -0.23
CA MSE A 421 19.82 -13.23 0.94
C MSE A 421 19.96 -14.41 1.90
O MSE A 421 19.84 -14.25 3.11
CB MSE A 421 18.35 -13.06 0.53
CG MSE A 421 18.05 -11.74 -0.15
SE MSE A 421 16.15 -11.51 -0.53
CE MSE A 421 16.09 -12.36 -2.28
N LYS A 422 20.22 -15.59 1.35
CA LYS A 422 20.38 -16.77 2.20
C LYS A 422 21.74 -16.79 2.88
N ASP A 423 22.75 -16.14 2.30
CA ASP A 423 24.10 -16.20 2.82
C ASP A 423 24.32 -15.08 3.83
N PRO A 424 24.63 -15.39 5.09
CA PRO A 424 24.85 -14.31 6.07
C PRO A 424 26.07 -13.46 5.75
N SER A 425 27.10 -14.03 5.15
CA SER A 425 28.34 -13.31 4.88
C SER A 425 28.23 -12.37 3.68
N LYS A 426 27.05 -12.22 3.10
CA LYS A 426 26.83 -11.32 1.97
C LYS A 426 26.01 -10.13 2.45
N ARG A 427 26.58 -8.94 2.34
CA ARG A 427 25.94 -7.70 2.77
C ARG A 427 25.53 -6.88 1.55
N ALA A 428 25.08 -5.65 1.82
CA ALA A 428 24.62 -4.75 0.76
C ALA A 428 25.60 -4.58 -0.41
N PRO A 429 26.91 -4.42 -0.20
CA PRO A 429 27.80 -4.29 -1.38
C PRO A 429 27.75 -5.49 -2.30
N ASP A 430 27.57 -6.70 -1.76
CA ASP A 430 27.45 -7.87 -2.62
C ASP A 430 26.10 -7.88 -3.35
N VAL A 431 25.05 -7.36 -2.73
CA VAL A 431 23.75 -7.31 -3.38
C VAL A 431 23.76 -6.26 -4.50
N LEU A 432 24.35 -5.10 -4.23
CA LEU A 432 24.33 -4.01 -5.20
C LEU A 432 25.21 -4.33 -6.40
N SER A 433 26.40 -4.91 -6.16
CA SER A 433 27.30 -5.22 -7.27
C SER A 433 26.78 -6.38 -8.10
N ALA A 434 26.12 -7.36 -7.47
CA ALA A 434 25.52 -8.45 -8.24
C ALA A 434 24.34 -7.96 -9.06
N VAL A 435 23.55 -7.03 -8.51
CA VAL A 435 22.46 -6.44 -9.28
C VAL A 435 23.01 -5.59 -10.41
N GLU A 436 24.14 -4.91 -10.19
CA GLU A 436 24.80 -4.10 -11.20
C GLU A 436 25.35 -4.91 -12.37
N SER A 437 25.24 -6.25 -12.34
CA SER A 437 25.79 -7.09 -13.37
C SER A 437 24.76 -7.95 -14.09
N LEU A 438 23.48 -7.86 -13.69
CA LEU A 438 22.43 -8.63 -14.34
C LEU A 438 21.24 -7.73 -14.68
N ILE A 443 21.36 3.00 -11.73
CA ILE A 443 21.67 2.41 -13.01
C ILE A 443 20.73 1.23 -13.19
N SER A 444 20.58 0.51 -12.08
CA SER A 444 19.91 -0.77 -11.98
C SER A 444 18.44 -0.58 -11.62
N ILE A 445 17.82 -1.63 -11.10
CA ILE A 445 16.53 -1.61 -10.43
C ILE A 445 16.46 -0.46 -9.42
N MSE A 446 17.61 0.09 -9.07
CA MSE A 446 17.76 1.25 -8.18
C MSE A 446 16.85 2.44 -8.51
O MSE A 446 16.67 3.32 -7.67
CB MSE A 446 19.22 1.72 -8.21
CG MSE A 446 19.66 2.51 -7.00
SE MSE A 446 20.23 1.35 -5.54
CE MSE A 446 21.92 0.76 -6.29
N ARG A 447 16.32 2.48 -9.74
CA ARG A 447 15.45 3.59 -10.13
C ARG A 447 14.29 3.79 -9.16
N ASP A 448 13.83 2.71 -8.53
CA ASP A 448 12.71 2.77 -7.61
C ASP A 448 13.16 2.88 -6.15
N PHE A 449 14.46 2.89 -5.88
CA PHE A 449 14.96 3.05 -4.51
C PHE A 449 14.82 4.51 -4.13
N LEU A 450 13.74 4.82 -3.39
CA LEU A 450 13.51 6.19 -2.94
C LEU A 450 14.59 6.59 -1.94
N ILE A 451 14.88 7.89 -1.90
CA ILE A 451 15.94 8.42 -1.04
C ILE A 451 15.36 9.50 -0.13
N PRO A 452 15.86 9.62 1.11
CA PRO A 452 15.28 10.57 2.07
C PRO A 452 15.74 12.00 1.79
N LEU A 453 14.79 12.85 1.41
CA LEU A 453 15.03 14.28 1.29
C LEU A 453 14.72 14.93 2.63
N LEU A 454 15.69 15.64 3.20
CA LEU A 454 15.58 16.16 4.56
C LEU A 454 14.94 17.56 4.51
N VAL A 455 13.68 17.64 4.90
CA VAL A 455 13.00 18.90 5.16
C VAL A 455 13.25 19.22 6.62
N GLU A 456 13.24 20.52 6.97
CA GLU A 456 13.99 21.06 8.10
C GLU A 456 14.10 20.09 9.28
N ASP A 457 12.97 19.55 9.73
CA ASP A 457 12.97 18.53 10.76
C ASP A 457 12.45 17.18 10.27
N ASP A 458 11.53 17.17 9.32
CA ASP A 458 10.88 15.94 8.88
C ASP A 458 11.63 15.35 7.69
N MSE A 459 10.99 14.41 6.99
CA MSE A 459 11.63 13.74 5.86
C MSE A 459 10.62 13.40 4.77
O MSE A 459 9.46 13.08 5.06
CB MSE A 459 12.35 12.48 6.32
CG MSE A 459 13.18 11.80 5.25
SE MSE A 459 12.21 10.39 4.32
CE MSE A 459 12.75 8.88 5.44
N VAL A 460 11.05 13.44 3.51
CA VAL A 460 10.20 13.11 2.37
C VAL A 460 10.97 12.14 1.48
N LEU A 461 10.36 10.99 1.18
CA LEU A 461 10.94 10.04 0.24
C LEU A 461 10.67 10.51 -1.19
N ILE A 462 11.74 10.60 -2.00
CA ILE A 462 11.64 11.03 -3.38
C ILE A 462 12.41 10.05 -4.26
N THR A 463 12.07 10.04 -5.54
CA THR A 463 12.73 9.17 -6.50
C THR A 463 14.10 9.73 -6.87
N PRO A 464 14.99 8.89 -7.42
CA PRO A 464 16.25 9.42 -7.96
C PRO A 464 16.05 10.46 -9.04
N ARG A 465 15.05 10.29 -9.89
CA ARG A 465 14.77 11.29 -10.92
C ARG A 465 14.32 12.61 -10.32
N LYS A 466 13.44 12.55 -9.31
CA LYS A 466 12.97 13.78 -8.68
C LYS A 466 14.11 14.52 -7.98
N LEU A 467 15.12 13.79 -7.50
CA LEU A 467 16.27 14.45 -6.89
C LEU A 467 17.04 15.28 -7.92
N LEU A 468 17.20 14.75 -9.13
CA LEU A 468 17.89 15.49 -10.17
C LEU A 468 17.12 16.75 -10.55
N GLU A 469 15.80 16.64 -10.71
CA GLU A 469 14.99 17.80 -11.03
C GLU A 469 15.11 18.88 -9.96
N LEU A 470 15.21 18.48 -8.69
CA LEU A 470 15.33 19.45 -7.61
C LEU A 470 16.75 19.99 -7.48
N TYR A 471 17.75 19.21 -7.88
CA TYR A 471 19.13 19.71 -7.86
C TYR A 471 19.36 20.72 -8.97
N SER A 472 18.78 20.48 -10.15
CA SER A 472 18.90 21.45 -11.24
C SER A 472 18.27 22.79 -10.84
N LYS A 473 17.13 22.76 -10.15
CA LYS A 473 16.52 23.96 -9.63
C LYS A 473 17.27 24.53 -8.42
N GLU A 474 18.38 23.91 -8.03
CA GLU A 474 19.21 24.38 -6.92
C GLU A 474 18.41 24.47 -5.62
N LEU A 475 17.79 23.35 -5.26
CA LEU A 475 17.03 23.23 -4.02
C LEU A 475 17.56 22.13 -3.10
N VAL A 476 18.56 21.37 -3.52
CA VAL A 476 19.07 20.23 -2.78
C VAL A 476 20.55 20.46 -2.47
N GLU A 477 20.93 20.27 -1.22
CA GLU A 477 22.31 20.33 -0.77
C GLU A 477 22.70 18.96 -0.22
N ILE A 478 23.75 18.37 -0.77
CA ILE A 478 24.17 17.02 -0.42
C ILE A 478 25.49 17.12 0.35
N LYS A 479 25.45 16.77 1.63
CA LYS A 479 26.64 16.75 2.47
C LYS A 479 27.30 15.38 2.41
N GLY A 480 28.63 15.37 2.42
CA GLY A 480 29.36 14.11 2.39
C GLY A 480 29.34 13.43 1.04
N PHE A 481 29.09 14.16 -0.04
CA PHE A 481 29.06 13.58 -1.38
C PHE A 481 29.50 14.67 -2.36
N ASN A 482 30.35 14.29 -3.31
CA ASN A 482 31.07 15.27 -4.12
C ASN A 482 30.37 15.56 -5.45
N LYS A 483 30.03 14.52 -6.21
CA LYS A 483 29.54 14.70 -7.57
C LYS A 483 28.29 15.58 -7.59
N GLU A 484 28.34 16.65 -8.39
CA GLU A 484 27.19 17.52 -8.57
C GLU A 484 26.20 16.84 -9.51
N ILE A 485 24.97 16.66 -9.02
CA ILE A 485 24.02 15.73 -9.64
C ILE A 485 23.44 16.33 -10.91
N LYS A 486 23.87 15.80 -12.05
CA LYS A 486 23.15 15.87 -13.32
C LYS A 486 23.20 14.49 -13.93
N SER A 487 22.45 14.28 -15.02
CA SER A 487 22.59 13.01 -15.75
C SER A 487 22.22 11.79 -14.91
N LEU A 488 20.93 11.48 -14.82
CA LEU A 488 20.30 10.59 -13.83
C LEU A 488 21.23 9.54 -13.22
N GLU A 489 22.11 8.92 -14.03
CA GLU A 489 23.09 7.98 -13.49
C GLU A 489 23.78 8.53 -12.24
N ASP A 490 24.03 9.85 -12.20
CA ASP A 490 24.56 10.45 -10.99
C ASP A 490 23.57 10.35 -9.84
N ALA A 491 22.28 10.61 -10.12
CA ALA A 491 21.26 10.51 -9.09
C ALA A 491 21.09 9.07 -8.61
N TYR A 492 21.15 8.10 -9.55
CA TYR A 492 21.14 6.70 -9.16
C TYR A 492 22.30 6.35 -8.24
N LYS A 493 23.42 7.06 -8.36
CA LYS A 493 24.58 6.78 -7.52
C LYS A 493 24.39 7.29 -6.09
N VAL A 494 23.62 8.37 -5.92
CA VAL A 494 23.28 8.81 -4.58
C VAL A 494 22.42 7.76 -3.87
N ALA A 495 21.44 7.21 -4.59
CA ALA A 495 20.65 6.12 -4.03
C ALA A 495 21.52 4.92 -3.66
N LYS A 496 22.56 4.67 -4.46
CA LYS A 496 23.50 3.60 -4.13
C LYS A 496 24.20 3.87 -2.81
N SER A 497 24.51 5.14 -2.53
CA SER A 497 25.16 5.48 -1.28
C SER A 497 24.22 5.30 -0.09
N VAL A 498 22.98 5.79 -0.23
CA VAL A 498 22.00 5.66 0.85
C VAL A 498 21.74 4.19 1.15
N ALA A 499 21.65 3.36 0.11
CA ALA A 499 21.45 1.92 0.32
C ALA A 499 22.63 1.28 1.05
N LEU A 500 23.85 1.77 0.81
CA LEU A 500 25.02 1.27 1.50
C LEU A 500 25.18 1.86 2.90
N GLY A 501 24.32 2.79 3.29
CA GLY A 501 24.40 3.38 4.61
C GLY A 501 25.54 4.36 4.79
N GLU A 502 25.88 5.11 3.75
CA GLU A 502 26.96 6.08 3.84
C GLU A 502 26.47 7.36 4.54
N ASN A 503 27.41 8.05 5.19
CA ASN A 503 27.09 9.19 6.04
C ASN A 503 26.90 10.44 5.17
N ILE A 504 25.81 10.44 4.42
CA ILE A 504 25.45 11.56 3.56
C ILE A 504 24.07 12.07 3.97
N GLU A 505 23.82 13.35 3.71
CA GLU A 505 22.55 13.99 4.03
C GLU A 505 22.06 14.76 2.81
N ILE A 506 20.88 14.40 2.34
CA ILE A 506 20.24 15.06 1.20
C ILE A 506 19.22 16.05 1.78
N ILE A 507 19.56 17.33 1.77
CA ILE A 507 18.84 18.35 2.51
C ILE A 507 18.13 19.28 1.52
N PHE A 508 16.92 19.70 1.89
CA PHE A 508 16.10 20.59 1.08
C PHE A 508 16.32 22.02 1.55
N ILE A 509 16.68 22.90 0.60
CA ILE A 509 17.03 24.27 0.95
C ILE A 509 15.81 25.19 0.92
N GLY A 510 14.93 25.02 -0.07
CA GLY A 510 13.76 25.87 -0.21
C GLY A 510 12.75 25.68 0.91
N ASN A 511 11.63 26.38 0.78
CA ASN A 511 10.57 26.33 1.77
C ASN A 511 9.57 25.24 1.41
N TYR A 512 9.39 24.29 2.33
CA TYR A 512 8.39 23.25 2.15
C TYR A 512 6.99 23.83 2.22
N ASP A 513 6.20 23.59 1.17
CA ASP A 513 4.82 24.05 1.16
C ASP A 513 3.98 23.14 2.05
N TRP A 514 3.43 23.71 3.12
CA TRP A 514 2.62 22.94 4.07
C TRP A 514 1.28 22.52 3.49
N GLU A 515 1.01 22.80 2.21
CA GLU A 515 -0.19 22.34 1.53
C GLU A 515 0.12 21.48 0.33
N ARG A 516 1.04 21.92 -0.53
CA ARG A 516 1.32 21.25 -1.79
C ARG A 516 2.42 20.21 -1.68
N GLY A 517 3.18 20.19 -0.58
CA GLY A 517 4.27 19.26 -0.43
C GLY A 517 5.51 19.67 -1.20
N ILE A 518 6.20 18.70 -1.77
CA ILE A 518 7.42 18.94 -2.54
C ILE A 518 7.08 18.80 -4.02
N PRO A 519 7.35 19.83 -4.86
CA PRO A 519 6.94 20.06 -6.24
C PRO A 519 6.30 18.88 -6.97
MG MG B . -6.23 -1.44 4.70
#